data_3W3E
#
_entry.id   3W3E
#
_cell.length_a   40.700
_cell.length_b   48.600
_cell.length_c   65.200
_cell.angle_alpha   97.70
_cell.angle_beta   100.40
_cell.angle_gamma   106.30
#
_symmetry.space_group_name_H-M   'P 1'
#
loop_
_entity.id
_entity.type
_entity.pdbx_description
1 polymer 'Cotyledoneous yieldin-like protein'
2 water water
#
_entity_poly.entity_id   1
_entity_poly.type   'polypeptide(L)'
_entity_poly.pdbx_seq_one_letter_code
;AEVGSVIGASLFDQLLKHRNDQACEGKGFYSYNAFITAARSFAAFGTTGDSNTRKREVAAFLAQTSHETTGGAATSPDGP
YAWGYCFVTERDKSNRYCDGSGPCSAGKSYYGRGPIQLTHNYNYNAAGRALGVDLINNPDLVARDAVVSFKTALWFWMTP
QGNKPSCHDVITNRWTPSAADKAANRVPGFGVITNIINGGLECGKGPTPASGDRIGFYKRYCDVFGVSYGPNLNCRDQRP
FG
;
_entity_poly.pdbx_strand_id   A,B
#
# COMPACT_ATOMS: atom_id res chain seq x y z
N ALA A 1 -1.49 -22.56 18.26
CA ALA A 1 -2.00 -23.14 19.54
C ALA A 1 -2.12 -22.08 20.63
N GLU A 2 -1.03 -21.38 20.92
CA GLU A 2 -1.11 -20.23 21.84
C GLU A 2 -0.36 -19.01 21.32
N VAL A 3 -0.74 -17.81 21.77
CA VAL A 3 -0.11 -16.57 21.23
C VAL A 3 1.40 -16.49 21.49
N GLY A 4 1.84 -17.10 22.58
CA GLY A 4 3.27 -17.14 22.88
C GLY A 4 4.13 -17.79 21.81
N SER A 5 3.54 -18.65 20.98
CA SER A 5 4.29 -19.28 19.86
C SER A 5 4.63 -18.27 18.77
N VAL A 6 3.83 -17.20 18.69
CA VAL A 6 4.00 -16.08 17.74
C VAL A 6 4.96 -15.04 18.33
N ILE A 7 4.89 -14.82 19.65
CA ILE A 7 5.63 -13.73 20.29
C ILE A 7 6.12 -14.18 21.66
N GLY A 8 7.43 -14.37 21.79
CA GLY A 8 8.02 -14.76 23.09
C GLY A 8 8.32 -13.53 23.92
N ALA A 9 8.81 -13.72 25.15
CA ALA A 9 9.06 -12.60 26.06
C ALA A 9 10.11 -11.66 25.49
N SER A 10 11.14 -12.23 24.87
CA SER A 10 12.21 -11.40 24.33
C SER A 10 11.67 -10.48 23.24
N LEU A 11 10.83 -11.05 22.38
CA LEU A 11 10.29 -10.28 21.25
C LEU A 11 9.29 -9.21 21.74
N PHE A 12 8.47 -9.58 22.72
CA PHE A 12 7.59 -8.60 23.37
C PHE A 12 8.38 -7.40 23.90
N ASP A 13 9.50 -7.66 24.58
CA ASP A 13 10.33 -6.56 25.08
C ASP A 13 11.06 -5.78 23.96
N GLN A 14 11.41 -6.45 22.87
CA GLN A 14 12.01 -5.77 21.71
C GLN A 14 11.02 -4.78 21.09
N LEU A 15 9.78 -5.22 20.90
CA LEU A 15 8.77 -4.33 20.30
C LEU A 15 8.39 -3.20 21.27
N LEU A 16 8.21 -3.55 22.55
CA LEU A 16 7.75 -2.55 23.53
C LEU A 16 8.92 -2.17 24.42
N LYS A 17 9.96 -1.71 23.74
CA LYS A 17 11.27 -1.48 24.32
C LYS A 17 11.29 -0.48 25.48
N HIS A 18 10.51 0.59 25.37
CA HIS A 18 10.58 1.69 26.32
C HIS A 18 9.38 1.81 27.25
N ARG A 19 8.52 0.80 27.27
CA ARG A 19 7.29 0.93 28.07
C ARG A 19 7.55 1.15 29.57
N ASN A 20 8.71 0.70 30.05
CA ASN A 20 9.02 0.83 31.48
C ASN A 20 10.08 1.89 31.75
N ASP A 21 10.26 2.76 30.77
CA ASP A 21 11.03 3.99 31.00
C ASP A 21 10.46 4.76 32.18
N GLN A 22 11.32 5.46 32.90
CA GLN A 22 10.90 6.30 34.02
C GLN A 22 9.84 7.34 33.61
N ALA A 23 9.91 7.79 32.36
CA ALA A 23 8.93 8.77 31.84
C ALA A 23 7.55 8.16 31.59
N CYS A 24 7.48 6.84 31.59
CA CYS A 24 6.22 6.16 31.29
C CYS A 24 5.46 5.83 32.57
N GLU A 25 4.21 5.44 32.42
CA GLU A 25 3.32 5.32 33.57
C GLU A 25 3.24 3.90 34.20
N GLY A 26 3.59 2.89 33.41
CA GLY A 26 3.36 1.51 33.87
C GLY A 26 4.23 1.05 35.02
N LYS A 27 5.52 1.42 34.99
CA LYS A 27 6.47 0.95 36.01
C LYS A 27 6.31 -0.55 36.23
N GLY A 28 6.31 -1.26 35.10
CA GLY A 28 6.21 -2.72 35.05
C GLY A 28 4.86 -3.27 34.67
N PHE A 29 3.85 -2.40 34.74
CA PHE A 29 2.44 -2.81 34.58
C PHE A 29 2.19 -3.73 33.39
N TYR A 30 2.63 -3.32 32.21
CA TYR A 30 2.29 -4.09 31.00
C TYR A 30 3.26 -5.25 30.78
N SER A 31 3.18 -6.28 31.64
CA SER A 31 4.14 -7.40 31.56
C SER A 31 3.77 -8.39 30.49
N TYR A 32 4.77 -9.06 29.93
CA TYR A 32 4.53 -10.18 29.03
C TYR A 32 3.62 -11.24 29.69
N ASN A 33 3.88 -11.58 30.94
CA ASN A 33 3.02 -12.56 31.60
C ASN A 33 1.57 -12.10 31.71
N ALA A 34 1.34 -10.82 31.97
CA ALA A 34 -0.07 -10.37 32.02
C ALA A 34 -0.72 -10.52 30.65
N PHE A 35 0.03 -10.17 29.60
CA PHE A 35 -0.43 -10.27 28.21
C PHE A 35 -0.80 -11.70 27.84
N ILE A 36 0.11 -12.65 28.00
CA ILE A 36 -0.19 -14.05 27.64
C ILE A 36 -1.28 -14.68 28.53
N THR A 37 -1.34 -14.29 29.80
CA THR A 37 -2.39 -14.79 30.71
C THR A 37 -3.73 -14.29 30.25
N ALA A 38 -3.80 -13.00 29.94
CA ALA A 38 -5.06 -12.43 29.42
C ALA A 38 -5.43 -13.09 28.11
N ALA A 39 -4.45 -13.29 27.23
CA ALA A 39 -4.73 -13.86 25.89
C ALA A 39 -5.36 -15.26 26.01
N ARG A 40 -5.04 -15.99 27.08
CA ARG A 40 -5.62 -17.35 27.27
C ARG A 40 -7.14 -17.30 27.31
N SER A 41 -7.69 -16.18 27.76
CA SER A 41 -9.15 -15.97 27.82
C SER A 41 -9.82 -15.71 26.46
N PHE A 42 -9.00 -15.52 25.44
CA PHE A 42 -9.44 -15.24 24.07
C PHE A 42 -8.61 -16.14 23.15
N ALA A 43 -8.91 -17.45 23.19
CA ALA A 43 -8.06 -18.49 22.58
C ALA A 43 -7.72 -18.26 21.10
N ALA A 44 -8.68 -17.69 20.35
CA ALA A 44 -8.52 -17.49 18.91
C ALA A 44 -7.54 -16.35 18.54
N PHE A 45 -7.24 -15.49 19.50
CA PHE A 45 -6.39 -14.34 19.22
C PHE A 45 -4.97 -14.83 18.99
N GLY A 46 -4.43 -14.46 17.83
CA GLY A 46 -3.06 -14.82 17.49
C GLY A 46 -2.84 -16.30 17.22
N THR A 47 -3.94 -17.05 17.06
CA THR A 47 -3.85 -18.49 16.75
C THR A 47 -4.76 -18.83 15.56
N THR A 48 -5.21 -17.81 14.84
CA THR A 48 -6.20 -17.97 13.77
C THR A 48 -5.58 -17.72 12.41
N GLY A 49 -5.75 -18.69 11.50
CA GLY A 49 -5.23 -18.55 10.14
C GLY A 49 -3.81 -19.09 10.07
N ASP A 50 -3.11 -18.81 8.97
CA ASP A 50 -1.77 -19.34 8.81
C ASP A 50 -0.76 -18.57 9.66
N SER A 51 0.49 -18.99 9.64
CA SER A 51 1.53 -18.50 10.56
C SER A 51 1.78 -17.00 10.44
N ASN A 52 1.66 -16.48 9.23
CA ASN A 52 1.83 -15.05 9.01
C ASN A 52 0.60 -14.22 9.34
N THR A 53 -0.60 -14.79 9.23
CA THR A 53 -1.85 -14.17 9.68
C THR A 53 -1.84 -13.99 11.21
N ARG A 54 -1.30 -14.98 11.90
CA ARG A 54 -1.13 -14.95 13.37
C ARG A 54 -0.16 -13.86 13.80
N LYS A 55 0.98 -13.82 13.11
CA LYS A 55 1.98 -12.75 13.32
C LYS A 55 1.34 -11.40 13.00
N ARG A 56 0.67 -11.32 11.87
CA ARG A 56 -0.05 -10.11 11.45
C ARG A 56 -1.12 -9.64 12.47
N GLU A 57 -1.87 -10.58 13.04
CA GLU A 57 -2.84 -10.18 14.06
C GLU A 57 -2.18 -9.61 15.31
N VAL A 58 -1.10 -10.22 15.76
CA VAL A 58 -0.39 -9.74 16.93
C VAL A 58 0.20 -8.37 16.62
N ALA A 59 0.78 -8.23 15.42
CA ALA A 59 1.33 -6.92 15.03
C ALA A 59 0.24 -5.85 14.97
N ALA A 60 -0.95 -6.19 14.45
CA ALA A 60 -2.05 -5.22 14.28
C ALA A 60 -2.58 -4.81 15.66
N PHE A 61 -2.80 -5.82 16.50
CA PHE A 61 -3.25 -5.56 17.88
C PHE A 61 -2.25 -4.69 18.64
N LEU A 62 -0.98 -5.06 18.58
CA LEU A 62 0.01 -4.33 19.32
C LEU A 62 0.20 -2.94 18.72
N ALA A 63 0.03 -2.81 17.41
CA ALA A 63 0.21 -1.49 16.79
C ALA A 63 -0.91 -0.52 17.22
N GLN A 64 -2.15 -0.98 17.16
CA GLN A 64 -3.25 -0.12 17.55
C GLN A 64 -3.19 0.28 19.02
N THR A 65 -2.93 -0.69 19.89
CA THR A 65 -2.85 -0.43 21.32
C THR A 65 -1.62 0.41 21.60
N SER A 66 -0.57 0.17 20.81
CA SER A 66 0.63 1.00 20.99
C SER A 66 0.31 2.47 20.74
N HIS A 67 -0.43 2.76 19.66
CA HIS A 67 -0.79 4.15 19.40
C HIS A 67 -1.65 4.72 20.54
N GLU A 68 -2.64 3.96 20.99
CA GLU A 68 -3.51 4.42 22.08
C GLU A 68 -2.74 4.88 23.31
N THR A 69 -1.58 4.27 23.54
CA THR A 69 -0.80 4.42 24.78
C THR A 69 0.57 4.98 24.49
N THR A 70 0.75 5.56 23.30
CA THR A 70 2.10 5.92 22.88
C THR A 70 2.70 7.06 23.68
N GLY A 71 3.99 6.89 23.99
CA GLY A 71 4.78 8.02 24.54
C GLY A 71 5.78 8.52 23.51
N GLY A 72 5.56 8.13 22.26
CA GLY A 72 6.50 8.36 21.15
C GLY A 72 6.32 9.67 20.42
N ALA A 73 7.42 10.18 19.87
CA ALA A 73 7.42 11.35 18.98
C ALA A 73 8.57 11.18 17.98
N ALA A 74 8.61 12.02 16.96
CA ALA A 74 9.63 11.90 15.91
C ALA A 74 11.06 11.76 16.47
N THR A 75 11.37 12.54 17.51
CA THR A 75 12.72 12.58 18.08
C THR A 75 12.98 11.58 19.23
N SER A 76 12.05 10.64 19.47
CA SER A 76 12.22 9.68 20.58
C SER A 76 13.39 8.73 20.31
N PRO A 77 14.01 8.21 21.40
CA PRO A 77 15.06 7.19 21.24
C PRO A 77 14.46 5.96 20.54
N ASP A 78 15.12 5.50 19.49
CA ASP A 78 14.65 4.37 18.66
C ASP A 78 13.43 4.70 17.81
N GLY A 79 13.10 5.98 17.73
CA GLY A 79 11.97 6.44 16.95
C GLY A 79 10.62 6.33 17.62
N PRO A 80 9.60 6.96 17.01
CA PRO A 80 8.25 7.04 17.59
C PRO A 80 7.61 5.67 17.78
N TYR A 81 8.04 4.69 16.99
CA TYR A 81 7.40 3.39 17.03
C TYR A 81 8.07 2.39 17.97
N ALA A 82 8.90 2.92 18.88
CA ALA A 82 9.46 2.11 19.98
C ALA A 82 8.86 2.48 21.36
N TRP A 83 7.87 3.38 21.34
CA TRP A 83 7.32 3.95 22.57
C TRP A 83 5.87 3.58 22.86
N GLY A 84 5.46 2.45 22.29
CA GLY A 84 4.12 1.95 22.56
C GLY A 84 4.02 1.58 24.04
N TYR A 85 2.81 1.61 24.58
CA TYR A 85 2.59 1.08 25.93
C TYR A 85 3.22 1.93 27.05
N CYS A 86 3.41 3.20 26.77
CA CYS A 86 3.93 4.11 27.73
C CYS A 86 2.87 4.51 28.76
N PHE A 87 1.65 4.77 28.31
CA PHE A 87 0.60 5.18 29.24
C PHE A 87 -0.42 4.14 29.60
N VAL A 88 -0.93 4.25 30.83
CA VAL A 88 -2.00 3.37 31.31
C VAL A 88 -3.33 4.12 31.37
N THR A 89 -3.28 5.42 31.68
CA THR A 89 -4.54 6.20 31.83
C THR A 89 -4.57 7.42 30.91
N GLU A 90 -5.76 7.83 30.48
CA GLU A 90 -5.97 9.09 29.76
C GLU A 90 -5.34 10.28 30.49
N ARG A 91 -4.62 11.11 29.75
CA ARG A 91 -3.96 12.30 30.32
C ARG A 91 -5.00 13.21 30.99
N ASP A 92 -6.09 13.51 30.27
CA ASP A 92 -7.19 14.30 30.85
C ASP A 92 -8.14 13.39 31.64
N LYS A 93 -8.29 13.70 32.92
CA LYS A 93 -9.12 12.93 33.84
C LYS A 93 -10.32 13.72 34.34
N SER A 94 -10.63 14.83 33.66
CA SER A 94 -11.75 15.71 34.03
C SER A 94 -13.13 15.24 33.57
N ASN A 95 -13.15 14.32 32.60
CA ASN A 95 -14.41 13.83 32.02
C ASN A 95 -14.65 12.45 32.55
N ARG A 96 -15.84 12.25 33.13
CA ARG A 96 -16.23 10.95 33.68
C ARG A 96 -16.70 9.99 32.60
N TYR A 97 -17.11 10.55 31.46
CA TYR A 97 -17.66 9.78 30.35
C TYR A 97 -18.80 8.86 30.81
N CYS A 98 -19.73 9.42 31.60
CA CYS A 98 -20.97 8.73 31.94
C CYS A 98 -22.05 9.22 30.96
N ASP A 99 -22.75 8.28 30.36
CA ASP A 99 -23.77 8.63 29.34
C ASP A 99 -25.09 9.09 29.95
N GLY A 100 -25.20 9.04 31.28
CA GLY A 100 -26.40 9.52 31.98
C GLY A 100 -27.59 8.58 31.94
N SER A 101 -27.42 7.45 31.28
CA SER A 101 -28.51 6.53 31.07
C SER A 101 -28.18 5.14 31.57
N GLY A 102 -26.95 4.71 31.35
CA GLY A 102 -26.46 3.48 31.95
C GLY A 102 -25.94 3.74 33.36
N PRO A 103 -25.51 2.68 34.06
CA PRO A 103 -24.97 2.83 35.42
C PRO A 103 -23.67 3.63 35.44
N CYS A 104 -23.52 4.43 36.50
CA CYS A 104 -22.39 5.36 36.67
C CYS A 104 -22.15 5.48 38.17
N SER A 105 -21.14 4.78 38.68
CA SER A 105 -20.97 4.61 40.11
C SER A 105 -20.41 5.88 40.75
N ALA A 106 -20.98 6.27 41.90
CA ALA A 106 -20.59 7.51 42.58
C ALA A 106 -19.09 7.68 42.76
N GLY A 107 -18.61 8.84 42.33
CA GLY A 107 -17.19 9.16 42.49
C GLY A 107 -16.28 8.42 41.52
N LYS A 108 -16.82 7.60 40.64
CA LYS A 108 -15.93 6.90 39.64
C LYS A 108 -15.92 7.58 38.27
N SER A 109 -14.82 7.43 37.52
CA SER A 109 -14.72 7.97 36.15
C SER A 109 -14.35 6.85 35.16
N TYR A 110 -14.80 7.02 33.92
CA TYR A 110 -14.66 6.01 32.89
C TYR A 110 -13.88 6.62 31.74
N TYR A 111 -12.90 7.46 32.06
CA TYR A 111 -11.87 7.90 31.09
C TYR A 111 -10.97 6.71 30.65
N GLY A 112 -10.12 6.94 29.63
CA GLY A 112 -9.34 5.88 29.02
C GLY A 112 -8.41 5.12 29.95
N ARG A 113 -8.47 3.79 29.89
CA ARG A 113 -7.55 2.97 30.69
C ARG A 113 -7.10 1.75 29.91
N GLY A 114 -5.84 1.38 30.06
CA GLY A 114 -5.36 0.11 29.50
C GLY A 114 -4.96 0.21 28.03
N PRO A 115 -4.66 -0.93 27.41
CA PRO A 115 -3.98 -0.87 26.09
C PRO A 115 -4.84 -0.25 25.00
N ILE A 116 -6.17 -0.42 25.09
CA ILE A 116 -7.07 0.16 24.08
C ILE A 116 -7.72 1.47 24.58
N GLN A 117 -7.28 1.92 25.75
CA GLN A 117 -7.81 3.12 26.35
C GLN A 117 -9.33 3.06 26.40
N LEU A 118 -9.79 1.98 27.01
CA LEU A 118 -11.20 1.75 27.24
C LEU A 118 -11.85 2.97 27.89
N THR A 119 -12.95 3.45 27.28
CA THR A 119 -13.64 4.69 27.65
C THR A 119 -15.14 4.47 27.64
N HIS A 120 -15.83 5.17 28.53
CA HIS A 120 -17.31 5.29 28.63
C HIS A 120 -17.91 4.26 29.58
N ASN A 121 -18.86 4.69 30.42
CA ASN A 121 -19.48 3.74 31.35
C ASN A 121 -20.07 2.56 30.58
N TYR A 122 -20.71 2.80 29.43
CA TYR A 122 -21.30 1.68 28.70
C TYR A 122 -20.30 0.62 28.27
N ASN A 123 -19.10 1.04 27.90
CA ASN A 123 -18.02 0.08 27.58
C ASN A 123 -17.41 -0.65 28.80
N TYR A 124 -17.25 0.06 29.91
CA TYR A 124 -16.83 -0.58 31.16
C TYR A 124 -17.86 -1.59 31.61
N ASN A 125 -19.13 -1.26 31.39
CA ASN A 125 -20.22 -2.15 31.71
C ASN A 125 -20.13 -3.43 30.87
N ALA A 126 -20.05 -3.27 29.55
CA ALA A 126 -20.02 -4.40 28.62
C ALA A 126 -18.75 -5.26 28.79
N ALA A 127 -17.61 -4.61 28.91
CA ALA A 127 -16.36 -5.33 29.11
C ALA A 127 -16.35 -6.14 30.41
N GLY A 128 -16.78 -5.52 31.49
CA GLY A 128 -16.82 -6.18 32.80
C GLY A 128 -17.74 -7.38 32.79
N ARG A 129 -18.90 -7.20 32.18
CA ARG A 129 -19.85 -8.29 32.06
C ARG A 129 -19.27 -9.48 31.32
N ALA A 130 -18.51 -9.22 30.25
CA ALA A 130 -17.94 -10.28 29.43
C ALA A 130 -16.80 -10.96 30.14
N LEU A 131 -16.09 -10.18 30.94
CA LEU A 131 -14.93 -10.67 31.66
C LEU A 131 -15.21 -11.24 33.04
N GLY A 132 -16.45 -11.04 33.55
CA GLY A 132 -16.77 -11.50 34.92
C GLY A 132 -16.18 -10.65 36.04
N VAL A 133 -16.02 -9.36 35.78
CA VAL A 133 -15.52 -8.47 36.79
C VAL A 133 -16.34 -7.16 36.78
N ASP A 134 -16.56 -6.59 37.96
CA ASP A 134 -17.34 -5.38 38.07
C ASP A 134 -16.51 -4.10 37.80
N LEU A 135 -16.45 -3.72 36.53
CA LEU A 135 -15.69 -2.53 36.14
C LEU A 135 -16.52 -1.25 36.25
N ILE A 136 -17.82 -1.38 36.48
CA ILE A 136 -18.62 -0.21 36.77
C ILE A 136 -18.33 0.29 38.17
N ASN A 137 -18.32 -0.60 39.15
CA ASN A 137 -18.01 -0.16 40.49
C ASN A 137 -16.50 -0.02 40.78
N ASN A 138 -15.65 -0.66 39.97
CA ASN A 138 -14.20 -0.43 40.13
C ASN A 138 -13.48 -0.31 38.78
N PRO A 139 -13.73 0.79 38.05
CA PRO A 139 -13.12 0.93 36.73
C PRO A 139 -11.61 1.01 36.79
N ASP A 140 -11.12 1.46 37.93
CA ASP A 140 -9.69 1.61 38.15
C ASP A 140 -8.98 0.28 38.09
N LEU A 141 -9.70 -0.83 38.16
CA LEU A 141 -9.09 -2.15 38.00
C LEU A 141 -8.35 -2.23 36.65
N VAL A 142 -8.84 -1.47 35.67
CA VAL A 142 -8.26 -1.52 34.32
C VAL A 142 -6.87 -0.86 34.33
N ALA A 143 -6.63 -0.01 35.31
CA ALA A 143 -5.31 0.62 35.47
C ALA A 143 -4.43 -0.02 36.53
N ARG A 144 -4.93 -1.06 37.21
CA ARG A 144 -4.25 -1.58 38.42
C ARG A 144 -3.96 -3.06 38.39
N ASP A 145 -4.81 -3.82 37.71
CA ASP A 145 -4.62 -5.26 37.50
C ASP A 145 -4.26 -5.47 36.03
N ALA A 146 -3.01 -5.82 35.74
CA ALA A 146 -2.56 -5.87 34.38
C ALA A 146 -3.27 -6.93 33.50
N VAL A 147 -3.66 -8.04 34.12
CA VAL A 147 -4.36 -9.08 33.38
C VAL A 147 -5.73 -8.54 32.97
N VAL A 148 -6.42 -7.90 33.90
CA VAL A 148 -7.71 -7.29 33.57
C VAL A 148 -7.52 -6.26 32.44
N SER A 149 -6.46 -5.46 32.57
CA SER A 149 -6.21 -4.39 31.62
C SER A 149 -6.09 -5.00 30.20
N PHE A 150 -5.22 -6.01 30.03
CA PHE A 150 -5.06 -6.64 28.71
C PHE A 150 -6.36 -7.33 28.26
N LYS A 151 -7.07 -7.92 29.21
CA LYS A 151 -8.38 -8.52 28.89
C LYS A 151 -9.37 -7.51 28.31
N THR A 152 -9.37 -6.28 28.79
CA THR A 152 -10.32 -5.30 28.23
C THR A 152 -9.97 -4.99 26.80
N ALA A 153 -8.68 -4.94 26.50
CA ALA A 153 -8.23 -4.63 25.16
C ALA A 153 -8.54 -5.77 24.19
N LEU A 154 -8.34 -7.00 24.68
CA LEU A 154 -8.63 -8.18 23.90
C LEU A 154 -10.12 -8.30 23.72
N TRP A 155 -10.88 -8.03 24.78
CA TRP A 155 -12.34 -7.98 24.65
C TRP A 155 -12.71 -7.03 23.51
N PHE A 156 -12.15 -5.83 23.51
CA PHE A 156 -12.50 -4.89 22.48
C PHE A 156 -12.17 -5.43 21.09
N TRP A 157 -10.96 -5.98 20.96
CA TRP A 157 -10.43 -6.51 19.70
C TRP A 157 -11.25 -7.66 19.11
N MET A 158 -11.80 -8.49 20.00
CA MET A 158 -12.48 -9.74 19.61
C MET A 158 -13.99 -9.62 19.47
N THR A 159 -14.53 -8.47 19.85
CA THR A 159 -15.98 -8.38 19.92
C THR A 159 -16.54 -7.44 18.85
N PRO A 160 -17.51 -7.92 18.07
CA PRO A 160 -18.14 -7.02 17.09
C PRO A 160 -19.12 -6.06 17.79
N GLN A 161 -19.45 -4.95 17.14
CA GLN A 161 -20.37 -3.99 17.76
C GLN A 161 -21.23 -3.29 16.71
N GLY A 162 -22.49 -3.71 16.60
CA GLY A 162 -23.42 -3.13 15.62
C GLY A 162 -23.10 -3.61 14.22
N ASN A 163 -22.81 -2.67 13.32
CA ASN A 163 -22.41 -2.99 11.94
C ASN A 163 -20.92 -3.20 11.84
N LYS A 164 -20.24 -3.03 12.97
CA LYS A 164 -18.81 -3.14 12.95
C LYS A 164 -18.44 -4.60 13.17
N PRO A 165 -17.64 -5.15 12.25
CA PRO A 165 -16.99 -6.40 12.53
C PRO A 165 -15.98 -6.20 13.65
N SER A 166 -15.61 -7.29 14.30
CA SER A 166 -14.50 -7.25 15.23
C SER A 166 -13.20 -7.01 14.45
N CYS A 167 -12.27 -6.36 15.13
CA CYS A 167 -10.96 -6.16 14.56
C CYS A 167 -10.32 -7.50 14.22
N HIS A 168 -10.60 -8.50 15.05
CA HIS A 168 -10.13 -9.87 14.83
C HIS A 168 -10.57 -10.44 13.47
N ASP A 169 -11.85 -10.32 13.17
CA ASP A 169 -12.40 -10.82 11.91
C ASP A 169 -11.82 -10.10 10.70
N VAL A 170 -11.47 -8.84 10.88
CA VAL A 170 -10.83 -8.12 9.81
C VAL A 170 -9.42 -8.61 9.53
N ILE A 171 -8.55 -8.64 10.54
CA ILE A 171 -7.13 -8.97 10.33
C ILE A 171 -6.92 -10.44 9.95
N THR A 172 -7.91 -11.28 10.29
CA THR A 172 -7.87 -12.72 9.95
C THR A 172 -8.60 -13.03 8.64
N ASN A 173 -9.09 -11.99 7.96
CA ASN A 173 -9.80 -12.16 6.69
C ASN A 173 -11.13 -12.88 6.76
N ARG A 174 -11.91 -12.65 7.81
CA ARG A 174 -13.18 -13.33 7.97
C ARG A 174 -14.35 -12.39 7.85
N TRP A 175 -14.07 -11.20 7.36
CA TRP A 175 -15.11 -10.19 7.21
C TRP A 175 -15.35 -9.94 5.71
N THR A 176 -16.62 -10.01 5.34
CA THR A 176 -17.02 -9.65 3.98
C THR A 176 -17.73 -8.31 4.10
N PRO A 177 -17.17 -7.26 3.48
CA PRO A 177 -17.80 -5.95 3.54
C PRO A 177 -19.21 -5.97 2.92
N SER A 178 -20.11 -5.12 3.43
CA SER A 178 -21.41 -4.91 2.79
C SER A 178 -21.26 -4.09 1.49
N ALA A 179 -22.34 -3.96 0.70
CA ALA A 179 -22.26 -3.09 -0.48
C ALA A 179 -22.00 -1.64 -0.07
N ALA A 180 -22.63 -1.19 1.01
CA ALA A 180 -22.38 0.18 1.51
C ALA A 180 -20.94 0.36 1.99
N ASP A 181 -20.40 -0.68 2.64
CA ASP A 181 -18.98 -0.69 3.04
C ASP A 181 -18.11 -0.52 1.82
N LYS A 182 -18.40 -1.29 0.79
CA LYS A 182 -17.55 -1.25 -0.41
C LYS A 182 -17.59 0.15 -1.06
N ALA A 183 -18.77 0.76 -1.10
CA ALA A 183 -18.93 2.11 -1.65
C ALA A 183 -18.20 3.15 -0.81
N ALA A 184 -18.07 2.84 0.49
CA ALA A 184 -17.35 3.69 1.44
C ALA A 184 -15.85 3.39 1.51
N ASN A 185 -15.39 2.48 0.64
CA ASN A 185 -13.97 2.06 0.61
C ASN A 185 -13.54 1.35 1.87
N ARG A 186 -14.52 0.87 2.63
CA ARG A 186 -14.23 0.05 3.79
C ARG A 186 -14.02 -1.39 3.34
N VAL A 187 -12.78 -1.73 3.00
CA VAL A 187 -12.39 -3.04 2.52
C VAL A 187 -11.34 -3.59 3.51
N PRO A 188 -11.14 -4.90 3.53
CA PRO A 188 -10.37 -5.50 4.64
C PRO A 188 -8.90 -5.08 4.70
N GLY A 189 -8.44 -4.73 5.90
CA GLY A 189 -7.03 -4.37 6.07
C GLY A 189 -6.89 -3.59 7.35
N PHE A 190 -5.67 -3.19 7.66
CA PHE A 190 -5.41 -2.43 8.86
C PHE A 190 -6.21 -1.11 8.91
N GLY A 191 -6.48 -0.53 7.74
CA GLY A 191 -7.18 0.77 7.66
C GLY A 191 -8.57 0.71 8.26
N VAL A 192 -9.28 -0.37 7.98
CA VAL A 192 -10.64 -0.47 8.50
C VAL A 192 -10.64 -0.77 10.02
N ILE A 193 -9.51 -1.30 10.52
CA ILE A 193 -9.37 -1.50 11.97
C ILE A 193 -9.17 -0.15 12.68
N THR A 194 -8.42 0.75 12.06
CA THR A 194 -8.33 2.13 12.55
C THR A 194 -9.74 2.76 12.55
N ASN A 195 -10.47 2.55 11.45
CA ASN A 195 -11.83 3.06 11.28
C ASN A 195 -12.75 2.57 12.40
N ILE A 196 -12.72 1.25 12.68
CA ILE A 196 -13.45 0.69 13.81
C ILE A 196 -13.13 1.42 15.14
N ILE A 197 -11.84 1.64 15.41
CA ILE A 197 -11.39 2.13 16.69
C ILE A 197 -11.66 3.64 16.86
N ASN A 198 -11.40 4.42 15.81
CA ASN A 198 -11.52 5.89 15.93
C ASN A 198 -11.82 6.60 14.63
N GLY A 199 -12.65 5.97 13.79
CA GLY A 199 -12.94 6.47 12.44
C GLY A 199 -13.60 7.83 12.38
N GLY A 200 -14.42 8.14 13.39
CA GLY A 200 -15.07 9.46 13.48
C GLY A 200 -14.10 10.61 13.45
N LEU A 201 -12.98 10.44 14.16
CA LEU A 201 -11.96 11.47 14.24
C LEU A 201 -10.85 11.29 13.18
N GLU A 202 -10.66 10.07 12.69
CA GLU A 202 -9.42 9.75 11.96
C GLU A 202 -9.51 9.36 10.48
N CYS A 203 -10.73 9.13 9.99
CA CYS A 203 -10.89 8.53 8.67
C CYS A 203 -11.83 9.31 7.77
N GLY A 204 -11.60 9.21 6.48
CA GLY A 204 -12.50 9.78 5.49
C GLY A 204 -12.17 11.19 5.02
N LYS A 205 -11.19 11.84 5.65
CA LYS A 205 -10.84 13.23 5.29
C LYS A 205 -9.37 13.39 4.85
N GLY A 206 -8.76 12.28 4.46
CA GLY A 206 -7.36 12.27 4.06
C GLY A 206 -6.41 11.88 5.19
N PRO A 207 -5.10 12.09 4.99
CA PRO A 207 -4.13 11.66 6.00
C PRO A 207 -4.32 12.38 7.35
N THR A 208 -4.21 11.66 8.46
CA THR A 208 -4.11 12.28 9.78
C THR A 208 -2.84 11.80 10.48
N PRO A 209 -2.28 12.64 11.39
CA PRO A 209 -1.06 12.15 12.06
C PRO A 209 -1.33 10.90 12.88
N ALA A 210 -2.52 10.82 13.48
CA ALA A 210 -2.84 9.68 14.35
C ALA A 210 -2.96 8.36 13.60
N SER A 211 -3.67 8.33 12.48
CA SER A 211 -3.73 7.10 11.70
C SER A 211 -2.32 6.75 11.14
N GLY A 212 -1.53 7.78 10.79
CA GLY A 212 -0.14 7.59 10.35
C GLY A 212 0.73 6.95 11.43
N ASP A 213 0.47 7.32 12.68
CA ASP A 213 1.20 6.74 13.81
C ASP A 213 0.84 5.25 14.01
N ARG A 214 -0.46 4.94 13.92
CA ARG A 214 -0.94 3.56 13.93
C ARG A 214 -0.24 2.72 12.84
N ILE A 215 -0.22 3.24 11.61
CA ILE A 215 0.45 2.54 10.49
C ILE A 215 1.96 2.38 10.73
N GLY A 216 2.60 3.39 11.28
CA GLY A 216 4.04 3.31 11.57
C GLY A 216 4.36 2.20 12.57
N PHE A 217 3.60 2.11 13.65
CA PHE A 217 3.71 1.00 14.56
C PHE A 217 3.55 -0.32 13.82
N TYR A 218 2.47 -0.44 13.06
CA TYR A 218 2.13 -1.68 12.38
C TYR A 218 3.24 -2.15 11.43
N LYS A 219 3.80 -1.23 10.66
CA LYS A 219 4.84 -1.62 9.71
C LYS A 219 6.10 -2.02 10.43
N ARG A 220 6.44 -1.32 11.52
CA ARG A 220 7.59 -1.72 12.32
C ARG A 220 7.41 -3.14 12.83
N TYR A 221 6.25 -3.45 13.40
CA TYR A 221 6.04 -4.74 14.01
C TYR A 221 5.99 -5.86 12.97
N CYS A 222 5.30 -5.60 11.85
CA CYS A 222 5.32 -6.56 10.76
C CYS A 222 6.75 -6.84 10.27
N ASP A 223 7.57 -5.80 10.14
CA ASP A 223 8.97 -5.97 9.69
C ASP A 223 9.73 -6.88 10.64
N VAL A 224 9.56 -6.69 11.95
CA VAL A 224 10.23 -7.57 12.92
C VAL A 224 9.75 -9.00 12.77
N PHE A 225 8.44 -9.17 12.60
CA PHE A 225 7.87 -10.50 12.37
C PHE A 225 8.20 -11.11 11.01
N GLY A 226 8.67 -10.29 10.07
CA GLY A 226 9.00 -10.76 8.71
C GLY A 226 7.75 -11.13 7.93
N VAL A 227 6.68 -10.37 8.15
CA VAL A 227 5.43 -10.58 7.40
C VAL A 227 5.02 -9.34 6.63
N SER A 228 4.41 -9.54 5.45
CA SER A 228 3.90 -8.43 4.64
C SER A 228 2.72 -7.78 5.37
N TYR A 229 2.43 -6.55 5.00
CA TYR A 229 1.45 -5.77 5.77
C TYR A 229 0.01 -6.08 5.41
N GLY A 230 -0.22 -6.67 4.25
CA GLY A 230 -1.60 -6.84 3.77
C GLY A 230 -2.03 -5.55 3.09
N PRO A 231 -3.21 -5.57 2.47
CA PRO A 231 -3.71 -4.43 1.69
C PRO A 231 -4.42 -3.41 2.57
N ASN A 232 -4.71 -2.24 1.98
CA ASN A 232 -5.70 -1.31 2.56
C ASN A 232 -5.31 -0.87 3.96
N LEU A 233 -4.10 -0.29 4.04
CA LEU A 233 -3.54 0.09 5.35
C LEU A 233 -4.11 1.37 5.94
N ASN A 234 -4.63 2.24 5.08
CA ASN A 234 -5.03 3.58 5.48
C ASN A 234 -6.54 3.72 5.47
N CYS A 235 -7.06 4.69 6.20
CA CYS A 235 -8.49 4.95 6.13
C CYS A 235 -8.80 6.36 5.65
N ARG A 236 -7.81 6.96 4.96
CA ARG A 236 -7.89 8.34 4.44
C ARG A 236 -9.16 8.55 3.63
N ASP A 237 -9.53 7.52 2.89
CA ASP A 237 -10.62 7.64 1.94
C ASP A 237 -11.74 6.67 2.24
N GLN A 238 -11.82 6.29 3.52
CA GLN A 238 -12.92 5.47 4.00
C GLN A 238 -13.89 6.34 4.75
N ARG A 239 -15.16 6.26 4.38
CA ARG A 239 -16.17 6.91 5.16
C ARG A 239 -16.23 6.25 6.54
N PRO A 240 -16.30 7.07 7.62
CA PRO A 240 -16.47 6.47 8.93
C PRO A 240 -17.72 5.62 8.91
N PHE A 241 -17.78 4.61 9.77
CA PHE A 241 -19.00 3.81 9.80
C PHE A 241 -20.21 4.70 10.14
N GLY A 242 -21.39 4.29 9.70
CA GLY A 242 -22.64 4.92 10.14
C GLY A 242 -23.30 5.81 9.10
N ALA B 1 -16.30 5.69 -25.50
CA ALA B 1 -15.12 5.52 -24.60
C ALA B 1 -13.82 5.47 -25.39
N GLU B 2 -12.98 6.49 -25.16
CA GLU B 2 -11.63 6.52 -25.74
C GLU B 2 -10.64 7.08 -24.71
N VAL B 3 -9.36 6.98 -25.03
CA VAL B 3 -8.32 7.47 -24.13
C VAL B 3 -8.58 8.94 -23.74
N GLY B 4 -9.05 9.75 -24.69
CA GLY B 4 -9.26 11.18 -24.45
C GLY B 4 -10.30 11.46 -23.37
N SER B 5 -11.13 10.46 -23.06
CA SER B 5 -12.10 10.51 -21.94
C SER B 5 -11.40 10.62 -20.59
N VAL B 6 -10.21 10.02 -20.51
CA VAL B 6 -9.45 9.95 -19.28
C VAL B 6 -8.50 11.13 -19.20
N ILE B 7 -7.90 11.47 -20.34
CA ILE B 7 -6.89 12.51 -20.37
C ILE B 7 -6.96 13.40 -21.62
N GLY B 8 -7.27 14.67 -21.38
CA GLY B 8 -7.28 15.67 -22.45
C GLY B 8 -5.92 16.29 -22.69
N ALA B 9 -5.85 17.13 -23.73
CA ALA B 9 -4.57 17.70 -24.15
C ALA B 9 -3.87 18.49 -23.04
N SER B 10 -4.60 19.34 -22.32
CA SER B 10 -3.94 20.21 -21.35
C SER B 10 -3.47 19.40 -20.15
N LEU B 11 -4.20 18.33 -19.81
CA LEU B 11 -3.81 17.47 -18.68
C LEU B 11 -2.58 16.63 -19.03
N PHE B 12 -2.50 16.23 -20.30
CA PHE B 12 -1.30 15.55 -20.83
C PHE B 12 -0.08 16.44 -20.60
N ASP B 13 -0.20 17.72 -20.96
CA ASP B 13 0.88 18.67 -20.72
C ASP B 13 1.16 18.88 -19.26
N GLN B 14 0.12 18.93 -18.43
CA GLN B 14 0.32 19.05 -17.00
C GLN B 14 1.12 17.88 -16.42
N LEU B 15 0.80 16.65 -16.84
CA LEU B 15 1.56 15.49 -16.35
C LEU B 15 3.01 15.52 -16.84
N LEU B 16 3.16 15.84 -18.12
CA LEU B 16 4.46 15.77 -18.79
C LEU B 16 4.98 17.17 -19.04
N LYS B 17 5.13 17.91 -17.93
CA LYS B 17 5.30 19.36 -17.91
C LYS B 17 6.60 19.83 -18.57
N HIS B 18 7.63 19.02 -18.38
CA HIS B 18 8.98 19.37 -18.74
C HIS B 18 9.57 18.65 -19.94
N ARG B 19 8.80 17.78 -20.59
CA ARG B 19 9.34 16.96 -21.69
C ARG B 19 9.98 17.77 -22.82
N ASN B 20 9.50 19.00 -23.04
CA ASN B 20 9.96 19.83 -24.16
C ASN B 20 10.96 20.91 -23.77
N ASP B 21 11.53 20.75 -22.58
CA ASP B 21 12.59 21.63 -22.11
C ASP B 21 13.81 21.45 -23.02
N GLN B 22 14.53 22.55 -23.29
CA GLN B 22 15.79 22.48 -24.08
C GLN B 22 16.75 21.37 -23.58
N ALA B 23 16.70 21.12 -22.28
CA ALA B 23 17.58 20.11 -21.65
C ALA B 23 17.18 18.66 -21.96
N CYS B 24 15.96 18.45 -22.44
CA CYS B 24 15.49 17.11 -22.84
C CYS B 24 15.71 16.87 -24.34
N GLU B 25 15.43 15.64 -24.78
CA GLU B 25 15.79 15.23 -26.15
C GLU B 25 14.70 15.43 -27.18
N GLY B 26 13.45 15.27 -26.76
CA GLY B 26 12.33 15.23 -27.71
C GLY B 26 12.10 16.51 -28.51
N LYS B 27 12.28 17.65 -27.83
CA LYS B 27 12.08 18.96 -28.47
C LYS B 27 10.80 18.97 -29.35
N GLY B 28 9.73 18.60 -28.67
CA GLY B 28 8.39 18.60 -29.24
C GLY B 28 7.91 17.23 -29.71
N PHE B 29 8.81 16.25 -29.75
CA PHE B 29 8.54 14.90 -30.33
C PHE B 29 7.30 14.25 -29.74
N TYR B 30 7.19 14.21 -28.43
CA TYR B 30 6.12 13.46 -27.79
C TYR B 30 4.83 14.25 -27.61
N SER B 31 4.04 14.35 -28.68
CA SER B 31 2.80 15.13 -28.63
C SER B 31 1.60 14.34 -28.17
N TYR B 32 0.64 15.06 -27.61
CA TYR B 32 -0.64 14.49 -27.24
C TYR B 32 -1.30 13.82 -28.42
N ASN B 33 -1.32 14.51 -29.56
CA ASN B 33 -1.94 13.93 -30.75
C ASN B 33 -1.30 12.61 -31.17
N ALA B 34 0.02 12.48 -31.05
CA ALA B 34 0.69 11.22 -31.39
C ALA B 34 0.24 10.07 -30.48
N PHE B 35 0.13 10.34 -29.17
CA PHE B 35 -0.30 9.38 -28.18
C PHE B 35 -1.76 8.95 -28.48
N ILE B 36 -2.65 9.93 -28.64
CA ILE B 36 -4.06 9.64 -28.94
C ILE B 36 -4.22 8.85 -30.25
N THR B 37 -3.50 9.27 -31.29
CA THR B 37 -3.52 8.58 -32.59
C THR B 37 -3.04 7.15 -32.47
N ALA B 38 -1.89 6.96 -31.82
CA ALA B 38 -1.36 5.60 -31.63
C ALA B 38 -2.32 4.71 -30.87
N ALA B 39 -2.99 5.27 -29.86
CA ALA B 39 -3.94 4.55 -29.03
C ALA B 39 -5.09 3.98 -29.84
N ARG B 40 -5.45 4.66 -30.94
CA ARG B 40 -6.55 4.11 -31.76
C ARG B 40 -6.24 2.73 -32.31
N SER B 41 -4.96 2.38 -32.44
CA SER B 41 -4.56 1.07 -32.94
C SER B 41 -4.63 -0.05 -31.89
N PHE B 42 -5.00 0.29 -30.66
CA PHE B 42 -5.12 -0.68 -29.58
C PHE B 42 -6.41 -0.36 -28.87
N ALA B 43 -7.50 -0.88 -29.43
CA ALA B 43 -8.84 -0.46 -29.08
C ALA B 43 -9.18 -0.60 -27.61
N ALA B 44 -8.63 -1.64 -26.97
CA ALA B 44 -8.93 -1.96 -25.57
C ALA B 44 -8.12 -1.11 -24.56
N PHE B 45 -7.06 -0.44 -25.03
CA PHE B 45 -6.28 0.43 -24.15
C PHE B 45 -7.05 1.64 -23.59
N GLY B 46 -7.12 1.72 -22.26
CA GLY B 46 -7.81 2.81 -21.58
C GLY B 46 -9.31 2.81 -21.76
N THR B 47 -9.86 1.72 -22.30
CA THR B 47 -11.31 1.61 -22.55
C THR B 47 -11.89 0.33 -21.94
N THR B 48 -11.06 -0.35 -21.16
CA THR B 48 -11.38 -1.64 -20.60
C THR B 48 -11.68 -1.49 -19.10
N GLY B 49 -12.83 -1.99 -18.70
CA GLY B 49 -13.20 -1.99 -17.29
C GLY B 49 -13.93 -0.71 -16.93
N ASP B 50 -14.13 -0.51 -15.63
CA ASP B 50 -14.91 0.63 -15.17
C ASP B 50 -14.09 1.91 -15.23
N SER B 51 -14.67 3.05 -14.86
CA SER B 51 -13.99 4.34 -14.97
C SER B 51 -12.67 4.33 -14.23
N ASN B 52 -12.66 3.77 -13.03
CA ASN B 52 -11.42 3.76 -12.24
C ASN B 52 -10.32 2.91 -12.87
N THR B 53 -10.73 1.80 -13.47
CA THR B 53 -9.79 0.90 -14.13
C THR B 53 -9.17 1.60 -15.34
N ARG B 54 -9.97 2.36 -16.10
CA ARG B 54 -9.51 3.10 -17.25
C ARG B 54 -8.52 4.18 -16.83
N LYS B 55 -8.85 4.90 -15.75
CA LYS B 55 -7.90 5.88 -15.16
C LYS B 55 -6.59 5.21 -14.72
N ARG B 56 -6.67 4.10 -13.99
CA ARG B 56 -5.45 3.40 -13.55
C ARG B 56 -4.63 2.91 -14.74
N GLU B 57 -5.27 2.39 -15.78
CA GLU B 57 -4.48 1.92 -16.93
C GLU B 57 -3.67 3.06 -17.57
N VAL B 58 -4.33 4.19 -17.81
CA VAL B 58 -3.64 5.33 -18.41
C VAL B 58 -2.53 5.81 -17.48
N ALA B 59 -2.83 5.98 -16.19
CA ALA B 59 -1.84 6.41 -15.22
C ALA B 59 -0.67 5.45 -15.18
N ALA B 60 -0.96 4.13 -15.22
CA ALA B 60 0.12 3.14 -15.11
C ALA B 60 0.98 3.13 -16.36
N PHE B 61 0.36 3.17 -17.54
CA PHE B 61 1.12 3.24 -18.80
C PHE B 61 1.99 4.49 -18.81
N LEU B 62 1.40 5.62 -18.44
CA LEU B 62 2.15 6.88 -18.46
C LEU B 62 3.25 6.87 -17.41
N ALA B 63 3.02 6.23 -16.26
CA ALA B 63 4.04 6.19 -15.19
C ALA B 63 5.22 5.34 -15.60
N GLN B 64 4.96 4.16 -16.13
CA GLN B 64 6.07 3.27 -16.49
C GLN B 64 6.92 3.84 -17.60
N THR B 65 6.28 4.40 -18.63
CA THR B 65 6.98 5.03 -19.75
C THR B 65 7.66 6.30 -19.28
N SER B 66 7.06 7.00 -18.32
CA SER B 66 7.74 8.21 -17.77
C SER B 66 9.04 7.76 -17.13
N HIS B 67 9.02 6.64 -16.39
CA HIS B 67 10.27 6.21 -15.75
C HIS B 67 11.32 5.87 -16.84
N GLU B 68 10.91 5.11 -17.85
CA GLU B 68 11.84 4.70 -18.92
C GLU B 68 12.57 5.86 -19.58
N THR B 69 11.92 7.00 -19.60
CA THR B 69 12.36 8.16 -20.36
C THR B 69 12.65 9.35 -19.42
N THR B 70 12.78 9.07 -18.12
CA THR B 70 12.84 10.16 -17.17
C THR B 70 14.11 10.98 -17.20
N GLY B 71 13.93 12.29 -17.07
CA GLY B 71 15.04 13.22 -16.85
C GLY B 71 15.06 13.77 -15.43
N GLY B 72 14.28 13.16 -14.53
CA GLY B 72 14.11 13.70 -13.19
C GLY B 72 15.17 13.28 -12.22
N ALA B 73 15.41 14.16 -11.23
CA ALA B 73 16.24 13.85 -10.08
C ALA B 73 15.53 14.43 -8.85
N ALA B 74 16.02 14.12 -7.65
CA ALA B 74 15.34 14.55 -6.44
C ALA B 74 15.13 16.07 -6.36
N THR B 75 16.07 16.83 -6.93
CA THR B 75 16.04 18.28 -6.82
C THR B 75 15.56 18.99 -8.10
N SER B 76 15.02 18.22 -9.06
CA SER B 76 14.50 18.80 -10.31
C SER B 76 13.35 19.78 -10.06
N PRO B 77 13.21 20.80 -10.93
CA PRO B 77 12.03 21.67 -10.80
C PRO B 77 10.76 20.85 -10.85
N ASP B 78 9.89 21.08 -9.87
CA ASP B 78 8.62 20.36 -9.73
C ASP B 78 8.82 18.92 -9.28
N GLY B 79 10.04 18.56 -8.89
CA GLY B 79 10.34 17.22 -8.40
C GLY B 79 10.56 16.18 -9.50
N PRO B 80 11.03 14.99 -9.09
CA PRO B 80 11.40 13.95 -10.07
C PRO B 80 10.25 13.46 -10.93
N TYR B 81 9.03 13.63 -10.44
CA TYR B 81 7.90 12.98 -11.13
C TYR B 81 7.22 13.92 -12.12
N ALA B 82 7.89 15.02 -12.39
CA ALA B 82 7.50 15.97 -13.39
C ALA B 82 8.33 15.90 -14.68
N TRP B 83 9.30 14.99 -14.71
CA TRP B 83 10.28 14.94 -15.80
C TRP B 83 10.19 13.68 -16.65
N GLY B 84 9.01 13.08 -16.70
CA GLY B 84 8.83 11.93 -17.59
C GLY B 84 8.93 12.38 -19.05
N TYR B 85 9.29 11.45 -19.94
CA TYR B 85 9.29 11.73 -21.39
C TYR B 85 10.36 12.73 -21.84
N CYS B 86 11.42 12.84 -21.04
CA CYS B 86 12.54 13.65 -21.37
C CYS B 86 13.36 13.08 -22.52
N PHE B 87 13.58 11.77 -22.49
CA PHE B 87 14.44 11.11 -23.49
C PHE B 87 13.68 10.28 -24.51
N VAL B 88 14.25 10.23 -25.71
CA VAL B 88 13.71 9.42 -26.81
C VAL B 88 14.62 8.22 -27.04
N THR B 89 15.94 8.37 -26.84
CA THR B 89 16.87 7.26 -27.10
C THR B 89 17.69 6.89 -25.85
N GLU B 90 18.10 5.63 -25.78
CA GLU B 90 18.94 5.13 -24.73
C GLU B 90 20.23 5.96 -24.70
N ARG B 91 20.64 6.33 -23.48
CA ARG B 91 21.86 7.16 -23.31
C ARG B 91 23.09 6.43 -23.84
N ASP B 92 23.24 5.16 -23.45
CA ASP B 92 24.33 4.35 -23.99
C ASP B 92 23.90 3.75 -25.34
N LYS B 93 24.64 4.09 -26.39
CA LYS B 93 24.34 3.64 -27.77
C LYS B 93 25.42 2.69 -28.32
N SER B 94 26.25 2.15 -27.42
CA SER B 94 27.39 1.31 -27.81
C SER B 94 27.01 -0.15 -28.05
N ASN B 95 25.80 -0.52 -27.67
CA ASN B 95 25.30 -1.91 -27.75
C ASN B 95 24.21 -1.97 -28.82
N ARG B 96 24.40 -2.84 -29.81
CA ARG B 96 23.46 -3.07 -30.89
C ARG B 96 22.25 -3.86 -30.42
N TYR B 97 22.41 -4.63 -29.34
CA TYR B 97 21.40 -5.58 -28.90
C TYR B 97 20.89 -6.48 -30.01
N CYS B 98 21.79 -7.05 -30.83
CA CYS B 98 21.43 -8.15 -31.75
C CYS B 98 21.74 -9.46 -31.09
N ASP B 99 20.75 -10.33 -31.12
CA ASP B 99 20.84 -11.65 -30.50
C ASP B 99 21.62 -12.71 -31.33
N GLY B 100 22.02 -12.35 -32.55
CA GLY B 100 22.87 -13.21 -33.36
C GLY B 100 22.12 -14.34 -34.03
N SER B 101 20.80 -14.35 -33.84
CA SER B 101 19.91 -15.37 -34.44
C SER B 101 18.74 -14.78 -35.19
N GLY B 102 18.11 -13.74 -34.63
CA GLY B 102 17.10 -13.02 -35.36
C GLY B 102 17.73 -12.07 -36.38
N PRO B 103 16.90 -11.47 -37.23
CA PRO B 103 17.39 -10.50 -38.24
C PRO B 103 18.09 -9.32 -37.55
N CYS B 104 19.18 -8.85 -38.14
CA CYS B 104 19.95 -7.72 -37.61
C CYS B 104 20.58 -7.01 -38.77
N SER B 105 20.01 -5.86 -39.14
CA SER B 105 20.43 -5.11 -40.32
C SER B 105 21.79 -4.43 -40.15
N ALA B 106 22.67 -4.60 -41.14
CA ALA B 106 24.05 -4.07 -41.03
C ALA B 106 24.07 -2.57 -40.69
N GLY B 107 24.87 -2.23 -39.68
CA GLY B 107 25.06 -0.85 -39.26
C GLY B 107 23.90 -0.28 -38.44
N LYS B 108 22.87 -1.09 -38.22
CA LYS B 108 21.72 -0.65 -37.37
C LYS B 108 21.89 -1.13 -35.91
N SER B 109 21.33 -0.36 -34.97
CA SER B 109 21.32 -0.77 -33.56
C SER B 109 19.90 -0.81 -32.98
N TYR B 110 19.71 -1.67 -32.00
CA TYR B 110 18.38 -1.92 -31.43
C TYR B 110 18.35 -1.56 -29.94
N TYR B 111 19.06 -0.48 -29.60
CA TYR B 111 19.02 0.07 -28.25
C TYR B 111 17.67 0.75 -27.99
N GLY B 112 17.45 1.15 -26.74
CA GLY B 112 16.14 1.70 -26.33
C GLY B 112 15.67 2.91 -27.14
N ARG B 113 14.42 2.85 -27.60
CA ARG B 113 13.82 3.99 -28.26
C ARG B 113 12.34 4.09 -27.87
N GLY B 114 11.90 5.34 -27.73
CA GLY B 114 10.48 5.65 -27.50
C GLY B 114 10.05 5.49 -26.06
N PRO B 115 8.76 5.59 -25.79
CA PRO B 115 8.27 5.67 -24.44
C PRO B 115 8.61 4.45 -23.59
N ILE B 116 8.64 3.25 -24.18
CA ILE B 116 8.94 2.07 -23.39
C ILE B 116 10.44 1.68 -23.53
N GLN B 117 11.19 2.50 -24.24
CA GLN B 117 12.61 2.20 -24.51
C GLN B 117 12.74 0.79 -25.07
N LEU B 118 12.01 0.58 -26.15
CA LEU B 118 12.04 -0.69 -26.89
C LEU B 118 13.48 -1.09 -27.21
N THR B 119 13.83 -2.31 -26.87
CA THR B 119 15.21 -2.79 -27.01
C THR B 119 15.17 -4.19 -27.61
N HIS B 120 16.24 -4.56 -28.34
CA HIS B 120 16.51 -5.92 -28.88
C HIS B 120 16.01 -6.14 -30.28
N ASN B 121 16.86 -6.64 -31.17
CA ASN B 121 16.39 -6.95 -32.51
C ASN B 121 15.11 -7.78 -32.50
N TYR B 122 15.01 -8.79 -31.64
CA TYR B 122 13.81 -9.63 -31.65
C TYR B 122 12.56 -8.83 -31.27
N ASN B 123 12.70 -7.84 -30.40
CA ASN B 123 11.49 -7.00 -30.11
C ASN B 123 11.15 -6.00 -31.20
N TYR B 124 12.16 -5.43 -31.86
CA TYR B 124 11.94 -4.58 -33.04
C TYR B 124 11.27 -5.39 -34.16
N ASN B 125 11.68 -6.65 -34.30
CA ASN B 125 11.08 -7.53 -35.28
C ASN B 125 9.60 -7.77 -34.93
N ALA B 126 9.34 -8.21 -33.70
CA ALA B 126 7.97 -8.55 -33.32
C ALA B 126 7.05 -7.34 -33.37
N ALA B 127 7.51 -6.21 -32.84
CA ALA B 127 6.73 -4.98 -32.85
C ALA B 127 6.43 -4.56 -34.27
N GLY B 128 7.46 -4.53 -35.09
CA GLY B 128 7.34 -4.17 -36.52
C GLY B 128 6.31 -5.01 -37.25
N ARG B 129 6.33 -6.33 -37.05
CA ARG B 129 5.39 -7.23 -37.70
C ARG B 129 3.94 -6.98 -37.27
N ALA B 130 3.73 -6.77 -35.97
CA ALA B 130 2.40 -6.49 -35.43
C ALA B 130 1.86 -5.15 -35.93
N LEU B 131 2.74 -4.17 -36.07
CA LEU B 131 2.32 -2.84 -36.46
C LEU B 131 2.23 -2.63 -37.97
N GLY B 132 3.02 -3.40 -38.72
CA GLY B 132 3.14 -3.24 -40.17
C GLY B 132 4.30 -2.37 -40.69
N VAL B 133 5.25 -2.05 -39.82
CA VAL B 133 6.40 -1.23 -40.21
C VAL B 133 7.65 -2.08 -40.08
N ASP B 134 8.64 -1.80 -40.94
CA ASP B 134 9.94 -2.52 -40.91
C ASP B 134 10.96 -1.86 -39.97
N LEU B 135 10.96 -2.34 -38.72
CA LEU B 135 11.76 -1.68 -37.70
C LEU B 135 13.08 -2.41 -37.60
N ILE B 136 13.29 -3.46 -38.40
CA ILE B 136 14.59 -4.12 -38.46
C ILE B 136 15.55 -3.33 -39.38
N ASN B 137 15.02 -2.96 -40.54
CA ASN B 137 15.76 -2.17 -41.48
C ASN B 137 15.78 -0.68 -41.17
N ASN B 138 14.80 -0.22 -40.36
CA ASN B 138 14.80 1.14 -39.91
C ASN B 138 14.34 1.28 -38.45
N PRO B 139 15.12 0.77 -37.49
CA PRO B 139 14.76 0.91 -36.09
C PRO B 139 14.65 2.37 -35.64
N ASP B 140 15.39 3.25 -36.31
CA ASP B 140 15.32 4.69 -36.02
C ASP B 140 13.96 5.32 -36.24
N LEU B 141 13.06 4.65 -36.98
CA LEU B 141 11.70 5.15 -37.14
C LEU B 141 11.08 5.36 -35.75
N VAL B 142 11.48 4.54 -34.79
CA VAL B 142 10.89 4.62 -33.43
C VAL B 142 11.22 5.93 -32.73
N ALA B 143 12.32 6.55 -33.15
CA ALA B 143 12.71 7.82 -32.60
C ALA B 143 12.43 9.00 -33.52
N ARG B 144 11.78 8.76 -34.65
CA ARG B 144 11.64 9.77 -35.68
C ARG B 144 10.18 10.06 -35.97
N ASP B 145 9.35 9.03 -35.89
CA ASP B 145 7.90 9.15 -36.12
C ASP B 145 7.23 8.94 -34.75
N ALA B 146 6.66 10.02 -34.19
CA ALA B 146 6.10 9.94 -32.84
C ALA B 146 4.92 8.97 -32.70
N VAL B 147 4.10 8.83 -33.75
CA VAL B 147 3.00 7.89 -33.75
C VAL B 147 3.53 6.45 -33.70
N VAL B 148 4.53 6.15 -34.52
CA VAL B 148 5.20 4.86 -34.44
C VAL B 148 5.82 4.66 -33.05
N SER B 149 6.42 5.73 -32.50
CA SER B 149 7.05 5.66 -31.19
C SER B 149 6.01 5.20 -30.14
N PHE B 150 4.86 5.88 -30.09
CA PHE B 150 3.81 5.51 -29.12
C PHE B 150 3.24 4.13 -29.43
N LYS B 151 3.07 3.82 -30.73
CA LYS B 151 2.63 2.49 -31.13
C LYS B 151 3.52 1.37 -30.61
N THR B 152 4.85 1.56 -30.62
CA THR B 152 5.70 0.50 -30.09
C THR B 152 5.54 0.31 -28.58
N ALA B 153 5.34 1.41 -27.87
CA ALA B 153 5.11 1.34 -26.43
C ALA B 153 3.79 0.70 -26.08
N LEU B 154 2.78 1.01 -26.89
CA LEU B 154 1.49 0.43 -26.69
C LEU B 154 1.49 -1.02 -27.11
N TRP B 155 2.19 -1.34 -28.19
CA TRP B 155 2.39 -2.75 -28.56
C TRP B 155 2.99 -3.47 -27.35
N PHE B 156 4.02 -2.91 -26.73
CA PHE B 156 4.65 -3.65 -25.65
C PHE B 156 3.66 -3.86 -24.49
N TRP B 157 2.91 -2.82 -24.18
CA TRP B 157 1.97 -2.81 -23.05
C TRP B 157 0.83 -3.83 -23.28
N MET B 158 0.39 -3.93 -24.54
CA MET B 158 -0.79 -4.76 -24.88
C MET B 158 -0.50 -6.21 -25.15
N THR B 159 0.77 -6.53 -25.42
CA THR B 159 1.12 -7.87 -25.88
C THR B 159 1.86 -8.67 -24.82
N PRO B 160 1.40 -9.89 -24.53
CA PRO B 160 2.09 -10.73 -23.55
C PRO B 160 3.49 -10.99 -24.08
N GLN B 161 4.49 -10.75 -23.24
CA GLN B 161 5.87 -10.85 -23.69
C GLN B 161 6.35 -12.33 -23.67
N GLY B 162 7.51 -12.64 -23.11
CA GLY B 162 7.93 -14.04 -22.94
C GLY B 162 6.79 -14.95 -22.48
N ASN B 163 6.89 -15.46 -21.27
CA ASN B 163 5.83 -16.26 -20.68
C ASN B 163 4.98 -15.44 -19.71
N LYS B 164 4.93 -14.13 -19.91
CA LYS B 164 4.29 -13.23 -18.94
C LYS B 164 2.97 -12.69 -19.45
N PRO B 165 2.07 -12.29 -18.54
CA PRO B 165 0.84 -11.67 -19.03
C PRO B 165 1.14 -10.27 -19.53
N SER B 166 0.30 -9.73 -20.41
CA SER B 166 0.43 -8.32 -20.80
C SER B 166 0.25 -7.36 -19.63
N CYS B 167 0.98 -6.24 -19.69
CA CYS B 167 0.73 -5.15 -18.75
C CYS B 167 -0.75 -4.77 -18.72
N HIS B 168 -1.37 -4.76 -19.92
CA HIS B 168 -2.80 -4.49 -20.03
C HIS B 168 -3.67 -5.42 -19.19
N ASP B 169 -3.44 -6.72 -19.33
CA ASP B 169 -4.24 -7.69 -18.59
C ASP B 169 -4.04 -7.56 -17.11
N VAL B 170 -2.84 -7.16 -16.70
CA VAL B 170 -2.60 -6.98 -15.29
C VAL B 170 -3.36 -5.77 -14.73
N ILE B 171 -3.26 -4.60 -15.35
CA ILE B 171 -3.90 -3.38 -14.81
C ILE B 171 -5.41 -3.41 -14.88
N THR B 172 -5.91 -4.21 -15.82
CA THR B 172 -7.36 -4.29 -16.00
C THR B 172 -7.94 -5.49 -15.29
N ASN B 173 -7.13 -6.17 -14.48
CA ASN B 173 -7.58 -7.35 -13.72
C ASN B 173 -8.16 -8.48 -14.60
N ARG B 174 -7.61 -8.62 -15.80
CA ARG B 174 -7.95 -9.75 -16.66
C ARG B 174 -7.03 -10.95 -16.45
N TRP B 175 -5.94 -10.73 -15.72
CA TRP B 175 -4.95 -11.78 -15.50
C TRP B 175 -5.18 -12.46 -14.17
N THR B 176 -5.28 -13.79 -14.21
CA THR B 176 -5.36 -14.62 -13.01
C THR B 176 -3.98 -15.24 -12.74
N PRO B 177 -3.33 -14.86 -11.62
CA PRO B 177 -2.03 -15.44 -11.38
C PRO B 177 -2.11 -16.96 -11.25
N SER B 178 -1.05 -17.63 -11.67
CA SER B 178 -0.91 -19.06 -11.45
C SER B 178 -0.55 -19.33 -9.98
N ALA B 179 -0.57 -20.60 -9.56
CA ALA B 179 -0.13 -20.98 -8.23
C ALA B 179 1.33 -20.54 -8.02
N ALA B 180 2.17 -20.76 -9.01
CA ALA B 180 3.57 -20.33 -8.87
C ALA B 180 3.67 -18.80 -8.73
N ASP B 181 2.87 -18.06 -9.50
CA ASP B 181 2.85 -16.61 -9.33
C ASP B 181 2.47 -16.21 -7.89
N LYS B 182 1.42 -16.83 -7.35
CA LYS B 182 0.97 -16.45 -6.01
C LYS B 182 2.05 -16.72 -4.96
N ALA B 183 2.68 -17.89 -5.06
CA ALA B 183 3.80 -18.25 -4.18
C ALA B 183 4.97 -17.25 -4.27
N ALA B 184 5.14 -16.66 -5.47
CA ALA B 184 6.19 -15.66 -5.71
C ALA B 184 5.71 -14.25 -5.40
N ASN B 185 4.49 -14.13 -4.86
CA ASN B 185 3.88 -12.85 -4.56
C ASN B 185 3.57 -11.97 -5.78
N ARG B 186 3.52 -12.62 -6.95
CA ARG B 186 3.11 -11.93 -8.17
C ARG B 186 1.59 -11.91 -8.22
N VAL B 187 1.01 -10.85 -7.66
CA VAL B 187 -0.45 -10.67 -7.64
C VAL B 187 -0.79 -9.36 -8.34
N PRO B 188 -1.99 -9.22 -8.88
CA PRO B 188 -2.22 -8.13 -9.82
C PRO B 188 -2.11 -6.75 -9.20
N GLY B 189 -1.38 -5.89 -9.91
CA GLY B 189 -1.24 -4.51 -9.49
C GLY B 189 -0.08 -3.90 -10.22
N PHE B 190 0.27 -2.68 -9.82
CA PHE B 190 1.34 -1.96 -10.50
C PHE B 190 2.69 -2.68 -10.35
N GLY B 191 2.90 -3.32 -9.21
CA GLY B 191 4.20 -3.96 -8.98
C GLY B 191 4.53 -5.06 -9.98
N VAL B 192 3.55 -5.89 -10.34
CA VAL B 192 3.76 -6.90 -11.36
C VAL B 192 4.08 -6.31 -12.74
N ILE B 193 3.53 -5.12 -13.02
CA ILE B 193 3.89 -4.38 -14.26
C ILE B 193 5.39 -4.00 -14.28
N THR B 194 5.89 -3.47 -13.16
CA THR B 194 7.34 -3.26 -13.00
C THR B 194 8.16 -4.53 -13.20
N ASN B 195 7.69 -5.60 -12.57
CA ASN B 195 8.25 -6.95 -12.76
C ASN B 195 8.27 -7.38 -14.26
N ILE B 196 7.13 -7.23 -14.94
CA ILE B 196 7.13 -7.51 -16.37
C ILE B 196 8.20 -6.71 -17.12
N ILE B 197 8.32 -5.40 -16.83
CA ILE B 197 9.17 -4.55 -17.66
C ILE B 197 10.67 -4.75 -17.35
N ASN B 198 11.01 -4.92 -16.06
CA ASN B 198 12.44 -4.97 -15.67
C ASN B 198 12.66 -5.66 -14.32
N GLY B 199 11.88 -6.69 -14.03
CA GLY B 199 11.92 -7.37 -12.74
C GLY B 199 13.25 -8.06 -12.43
N GLY B 200 13.92 -8.55 -13.47
CA GLY B 200 15.25 -9.16 -13.32
C GLY B 200 16.19 -8.25 -12.56
N LEU B 201 16.13 -6.95 -12.85
CA LEU B 201 16.96 -5.97 -12.18
C LEU B 201 16.29 -5.28 -10.98
N GLU B 202 14.97 -5.23 -10.97
CA GLU B 202 14.28 -4.35 -10.05
C GLU B 202 13.43 -4.99 -8.96
N CYS B 203 13.25 -6.31 -9.02
CA CYS B 203 12.25 -6.95 -8.16
C CYS B 203 12.80 -8.11 -7.35
N GLY B 204 12.16 -8.35 -6.20
CA GLY B 204 12.39 -9.55 -5.37
C GLY B 204 13.52 -9.46 -4.36
N LYS B 205 14.27 -8.37 -4.41
CA LYS B 205 15.41 -8.21 -3.47
C LYS B 205 15.27 -6.96 -2.62
N GLY B 206 14.03 -6.53 -2.35
CA GLY B 206 13.79 -5.34 -1.58
C GLY B 206 13.60 -4.11 -2.44
N PRO B 207 13.45 -2.94 -1.79
CA PRO B 207 13.24 -1.67 -2.51
C PRO B 207 14.43 -1.34 -3.44
N THR B 208 14.11 -0.82 -4.63
CA THR B 208 15.13 -0.30 -5.54
C THR B 208 14.74 1.13 -5.91
N PRO B 209 15.73 2.00 -6.12
CA PRO B 209 15.43 3.36 -6.56
C PRO B 209 14.54 3.40 -7.83
N ALA B 210 14.82 2.52 -8.81
CA ALA B 210 14.08 2.54 -10.08
C ALA B 210 12.63 2.14 -9.86
N SER B 211 12.37 1.06 -9.13
CA SER B 211 10.97 0.72 -8.84
C SER B 211 10.25 1.81 -8.03
N GLY B 212 10.92 2.44 -7.07
CA GLY B 212 10.37 3.58 -6.34
C GLY B 212 10.04 4.76 -7.25
N ASP B 213 10.86 5.01 -8.27
CA ASP B 213 10.65 6.11 -9.21
C ASP B 213 9.37 5.82 -10.03
N ARG B 214 9.22 4.58 -10.49
CA ARG B 214 8.01 4.18 -11.24
C ARG B 214 6.75 4.39 -10.37
N ILE B 215 6.82 3.96 -9.11
CA ILE B 215 5.69 4.13 -8.21
C ILE B 215 5.42 5.62 -7.99
N GLY B 216 6.48 6.40 -7.81
CA GLY B 216 6.28 7.84 -7.63
C GLY B 216 5.48 8.50 -8.75
N PHE B 217 5.83 8.18 -9.99
CA PHE B 217 5.11 8.72 -11.15
C PHE B 217 3.66 8.19 -11.08
N TYR B 218 3.49 6.91 -10.79
CA TYR B 218 2.14 6.36 -10.82
C TYR B 218 1.26 7.02 -9.78
N LYS B 219 1.75 7.21 -8.54
CA LYS B 219 0.90 7.86 -7.50
C LYS B 219 0.58 9.31 -7.89
N ARG B 220 1.56 10.01 -8.45
CA ARG B 220 1.31 11.38 -8.88
C ARG B 220 0.18 11.42 -9.90
N TYR B 221 0.25 10.54 -10.90
CA TYR B 221 -0.69 10.57 -12.00
C TYR B 221 -2.07 10.10 -11.51
N CYS B 222 -2.11 9.09 -10.64
CA CYS B 222 -3.37 8.68 -10.04
C CYS B 222 -3.95 9.82 -9.23
N ASP B 223 -3.13 10.55 -8.49
CA ASP B 223 -3.65 11.66 -7.69
C ASP B 223 -4.30 12.74 -8.58
N VAL B 224 -3.66 13.06 -9.69
CA VAL B 224 -4.27 14.02 -10.63
C VAL B 224 -5.63 13.54 -11.16
N PHE B 225 -5.70 12.25 -11.50
CA PHE B 225 -6.93 11.69 -12.02
C PHE B 225 -7.97 11.49 -10.92
N GLY B 226 -7.57 11.61 -9.66
CA GLY B 226 -8.51 11.42 -8.55
C GLY B 226 -8.91 9.97 -8.38
N VAL B 227 -7.97 9.06 -8.66
CA VAL B 227 -8.25 7.64 -8.49
C VAL B 227 -7.28 7.00 -7.48
N SER B 228 -7.78 6.04 -6.71
CA SER B 228 -6.91 5.29 -5.81
C SER B 228 -5.96 4.40 -6.63
N TYR B 229 -4.85 4.02 -6.01
CA TYR B 229 -3.77 3.33 -6.73
C TYR B 229 -4.01 1.88 -7.05
N GLY B 230 -4.98 1.27 -6.37
CA GLY B 230 -5.07 -0.18 -6.43
C GLY B 230 -4.02 -0.83 -5.53
N PRO B 231 -4.11 -2.14 -5.35
CA PRO B 231 -3.20 -2.89 -4.46
C PRO B 231 -1.88 -3.26 -5.10
N ASN B 232 -0.96 -3.78 -4.29
CA ASN B 232 0.24 -4.44 -4.80
C ASN B 232 1.08 -3.54 -5.72
N LEU B 233 1.48 -2.39 -5.18
CA LEU B 233 2.18 -1.39 -5.97
C LEU B 233 3.68 -1.69 -6.16
N ASN B 234 4.26 -2.45 -5.23
CA ASN B 234 5.70 -2.69 -5.27
C ASN B 234 6.00 -4.10 -5.74
N CYS B 235 7.27 -4.37 -6.05
CA CYS B 235 7.67 -5.73 -6.39
C CYS B 235 8.88 -6.14 -5.55
N ARG B 236 9.10 -5.43 -4.45
CA ARG B 236 10.22 -5.69 -3.51
C ARG B 236 10.29 -7.16 -3.17
N ASP B 237 9.14 -7.80 -3.02
CA ASP B 237 9.07 -9.20 -2.59
C ASP B 237 8.46 -10.16 -3.57
N GLN B 238 8.56 -9.79 -4.84
CA GLN B 238 8.06 -10.61 -5.92
C GLN B 238 9.24 -11.25 -6.56
N ARG B 239 9.24 -12.56 -6.69
CA ARG B 239 10.28 -13.18 -7.51
C ARG B 239 10.15 -12.70 -8.97
N PRO B 240 11.26 -12.40 -9.63
CA PRO B 240 11.19 -12.12 -11.07
C PRO B 240 10.50 -13.27 -11.77
N PHE B 241 9.71 -12.98 -12.80
CA PHE B 241 9.14 -14.06 -13.61
C PHE B 241 10.24 -15.04 -14.06
N GLY B 242 9.88 -16.31 -14.17
CA GLY B 242 10.78 -17.34 -14.73
C GLY B 242 11.34 -18.33 -13.71
#